data_2GL9
#
_entry.id   2GL9
#
_cell.length_a   46.118
_cell.length_b   96.745
_cell.length_c   61.998
_cell.angle_alpha   90.00
_cell.angle_beta   90.58
_cell.angle_gamma   90.00
#
_symmetry.space_group_name_H-M   'P 1 21 1'
#
loop_
_entity.id
_entity.type
_entity.pdbx_description
1 polymer 'Glycosylasparaginase alpha chain'
2 polymer 'Glycosylasparaginase beta chain'
3 non-polymer 2-acetamido-2-deoxy-beta-D-glucopyranose
4 non-polymer ASPARAGINE
5 water water
#
loop_
_entity_poly.entity_id
_entity_poly.type
_entity_poly.pdbx_seq_one_letter_code
_entity_poly.pdbx_strand_id
1 'polypeptide(L)'
;TTNKPIVLSTWNFGLHANVEAWKVLSKGGKALDAVEKGVRLVEDDPTERSVGYGGRPDRDGRVTLDACIMDENYNIGSVA
CMEHIKNPISVARAVMEKTPHVMLVGDGALEFALSQGFKKENLLTAESEKEWKEWLKTSQYKPIVNIENHD
;
A,C
2 'polypeptide(L)'
;CIGMIALDAQGNLSGACTTSGMAYKMHGRVGDSPIIGAGLFVDNEIGAATATGHGEEVIRTVGTHLVVELMNQGRTPQQA
CKEAVERIVKIVNRRGKNLKDIQVGFIALNKKGEYGAYCIQDGFNFAVHDQKGNRLETPGFALK
;
B,D
#
# COMPACT_ATOMS: atom_id res chain seq x y z
N THR A 2 14.73 -29.40 -2.55
CA THR A 2 14.10 -28.27 -1.79
C THR A 2 14.85 -28.05 -0.49
N ASN A 3 15.43 -26.86 -0.35
CA ASN A 3 16.17 -26.44 0.84
C ASN A 3 15.22 -25.86 1.87
N LYS A 4 14.70 -26.68 2.77
CA LYS A 4 13.82 -26.17 3.79
C LYS A 4 14.04 -26.97 5.08
N PRO A 5 13.77 -26.34 6.25
CA PRO A 5 13.29 -24.96 6.31
C PRO A 5 14.41 -23.93 6.10
N ILE A 6 14.04 -22.67 5.87
CA ILE A 6 15.02 -21.61 5.70
C ILE A 6 14.38 -20.26 5.97
N VAL A 7 15.15 -19.36 6.58
CA VAL A 7 14.66 -18.01 6.88
C VAL A 7 15.71 -16.94 6.56
N LEU A 8 15.26 -15.81 6.01
CA LEU A 8 16.12 -14.67 5.66
C LEU A 8 15.56 -13.41 6.30
N SER A 9 16.44 -12.56 6.81
CA SER A 9 16.00 -11.30 7.38
C SER A 9 17.03 -10.22 7.07
N THR A 10 16.57 -8.98 7.11
CA THR A 10 17.39 -7.83 6.77
C THR A 10 18.34 -7.34 7.86
N TRP A 11 19.52 -6.89 7.44
CA TRP A 11 20.54 -6.31 8.33
C TRP A 11 21.23 -7.26 9.33
N ASN A 12 22.27 -6.77 10.02
CA ASN A 12 23.04 -7.56 10.99
C ASN A 12 22.19 -8.15 12.10
N PHE A 13 21.29 -7.35 12.66
CA PHE A 13 20.45 -7.87 13.72
C PHE A 13 19.52 -9.01 13.26
N GLY A 14 19.43 -9.20 11.94
CA GLY A 14 18.61 -10.30 11.41
C GLY A 14 19.23 -11.64 11.79
N LEU A 15 20.53 -11.65 12.04
CA LEU A 15 21.20 -12.89 12.44
C LEU A 15 20.56 -13.35 13.77
N HIS A 16 20.33 -12.40 14.69
CA HIS A 16 19.74 -12.73 15.99
C HIS A 16 18.26 -13.04 15.88
N ALA A 17 17.60 -12.33 14.97
CA ALA A 17 16.18 -12.58 14.78
C ALA A 17 16.07 -13.97 14.18
N ASN A 18 17.00 -14.33 13.29
CA ASN A 18 16.92 -15.66 12.70
C ASN A 18 16.97 -16.79 13.73
N VAL A 19 17.74 -16.60 14.80
CA VAL A 19 17.84 -17.63 15.84
C VAL A 19 16.49 -17.92 16.48
N GLU A 20 15.71 -16.86 16.75
CA GLU A 20 14.37 -17.03 17.31
C GLU A 20 13.44 -17.72 16.32
N ALA A 21 13.47 -17.30 15.06
CA ALA A 21 12.62 -17.92 14.02
C ALA A 21 12.98 -19.41 13.87
N TRP A 22 14.26 -19.74 13.99
CA TRP A 22 14.72 -21.12 13.86
C TRP A 22 14.20 -22.02 15.02
N LYS A 23 14.05 -21.46 16.22
CA LYS A 23 13.50 -22.26 17.31
C LYS A 23 12.14 -22.81 16.85
N VAL A 24 11.42 -22.03 16.04
CA VAL A 24 10.15 -22.49 15.53
C VAL A 24 10.33 -23.40 14.29
N LEU A 25 11.05 -22.90 13.29
CA LEU A 25 11.24 -23.69 12.08
C LEU A 25 11.89 -25.06 12.27
N SER A 26 12.90 -25.16 13.13
CA SER A 26 13.60 -26.43 13.30
C SER A 26 12.74 -27.50 13.97
N LYS A 27 11.66 -27.09 14.62
CA LYS A 27 10.77 -28.05 15.27
C LYS A 27 9.55 -28.33 14.41
N GLY A 28 9.59 -27.93 13.13
CA GLY A 28 8.45 -28.17 12.26
C GLY A 28 7.32 -27.15 12.38
N GLY A 29 7.56 -26.07 13.12
CA GLY A 29 6.55 -25.02 13.27
C GLY A 29 6.21 -24.26 11.99
N LYS A 30 5.10 -23.51 12.02
CA LYS A 30 4.65 -22.75 10.86
C LYS A 30 5.53 -21.52 10.55
N ALA A 31 5.75 -21.24 9.26
CA ALA A 31 6.52 -20.08 8.88
C ALA A 31 5.89 -18.84 9.54
N LEU A 32 4.57 -18.78 9.59
CA LEU A 32 3.89 -17.62 10.16
C LEU A 32 4.37 -17.33 11.59
N ASP A 33 4.42 -18.37 12.41
CA ASP A 33 4.86 -18.24 13.79
C ASP A 33 6.33 -17.84 13.90
N ALA A 34 7.16 -18.45 13.05
CA ALA A 34 8.60 -18.20 13.04
C ALA A 34 8.92 -16.73 12.70
N VAL A 35 8.30 -16.17 11.66
CA VAL A 35 8.58 -14.77 11.31
C VAL A 35 8.01 -13.78 12.34
N GLU A 36 6.91 -14.12 13.00
CA GLU A 36 6.38 -13.21 14.03
C GLU A 36 7.37 -13.21 15.23
N LYS A 37 7.71 -14.40 15.71
CA LYS A 37 8.65 -14.53 16.82
C LYS A 37 9.99 -13.88 16.50
N GLY A 38 10.45 -14.10 15.27
CA GLY A 38 11.73 -13.56 14.88
C GLY A 38 11.80 -12.04 14.96
N VAL A 39 10.80 -11.35 14.41
CA VAL A 39 10.84 -9.90 14.41
C VAL A 39 10.46 -9.29 15.77
N ARG A 40 9.65 -9.99 16.55
CA ARG A 40 9.27 -9.48 17.88
C ARG A 40 10.55 -9.26 18.72
N LEU A 41 11.55 -10.11 18.54
CA LEU A 41 12.80 -9.98 19.27
C LEU A 41 13.38 -8.56 19.14
N VAL A 42 13.40 -8.05 17.91
CA VAL A 42 13.93 -6.74 17.60
C VAL A 42 12.99 -5.62 18.10
N GLU A 43 11.69 -5.85 17.99
CA GLU A 43 10.72 -4.89 18.48
C GLU A 43 10.94 -4.74 20.00
N ASP A 44 11.22 -5.85 20.67
CA ASP A 44 11.41 -5.86 22.14
C ASP A 44 12.68 -5.20 22.65
N ASP A 45 13.73 -5.29 21.85
CA ASP A 45 15.03 -4.74 22.23
C ASP A 45 15.18 -3.23 22.08
N PRO A 46 15.37 -2.52 23.20
CA PRO A 46 15.53 -1.07 23.14
C PRO A 46 16.78 -0.61 22.43
N THR A 47 17.75 -1.52 22.29
CA THR A 47 18.97 -1.11 21.63
C THR A 47 18.83 -1.20 20.11
N GLU A 48 17.68 -1.70 19.63
CA GLU A 48 17.45 -1.75 18.18
C GLU A 48 16.53 -0.58 17.96
N ARG A 49 17.17 0.51 17.55
CA ARG A 49 16.59 1.83 17.39
C ARG A 49 15.72 2.09 16.18
N SER A 50 15.57 1.11 15.31
CA SER A 50 14.74 1.33 14.13
C SER A 50 13.51 0.41 14.10
N VAL A 51 13.24 -0.28 15.21
CA VAL A 51 12.13 -1.22 15.33
C VAL A 51 11.48 -1.20 16.74
N GLY A 52 10.17 -1.00 16.79
CA GLY A 52 9.45 -1.01 18.06
C GLY A 52 10.04 -0.21 19.21
N TYR A 53 10.15 -0.85 20.36
CA TYR A 53 10.70 -0.20 21.56
C TYR A 53 12.10 0.32 21.29
N GLY A 54 12.31 1.60 21.61
CA GLY A 54 13.62 2.21 21.36
C GLY A 54 13.72 2.88 19.99
N GLY A 55 12.63 2.80 19.21
CA GLY A 55 12.63 3.39 17.88
C GLY A 55 12.73 4.91 17.94
N ARG A 56 13.49 5.51 17.03
CA ARG A 56 13.59 6.96 17.03
C ARG A 56 12.24 7.53 16.60
N PRO A 57 11.75 8.56 17.30
CA PRO A 57 10.46 9.19 17.01
C PRO A 57 10.42 10.02 15.75
N ASP A 58 9.20 10.45 15.43
CA ASP A 58 8.98 11.33 14.31
C ASP A 58 9.45 12.69 14.83
N ARG A 59 9.47 13.71 13.97
CA ARG A 59 10.02 15.00 14.37
C ARG A 59 9.35 15.66 15.55
N ASP A 60 8.18 15.17 15.95
CA ASP A 60 7.44 15.75 17.04
C ASP A 60 7.62 14.97 18.32
N GLY A 61 8.53 14.01 18.30
CA GLY A 61 8.81 13.22 19.48
C GLY A 61 7.90 12.03 19.68
N ARG A 62 7.11 11.73 18.67
CA ARG A 62 6.22 10.60 18.80
C ARG A 62 6.73 9.34 18.11
N VAL A 63 6.77 8.23 18.85
CA VAL A 63 7.21 6.97 18.26
C VAL A 63 5.98 6.32 17.62
N THR A 64 5.96 6.28 16.28
CA THR A 64 4.84 5.66 15.59
C THR A 64 5.42 4.53 14.74
N LEU A 65 4.83 3.35 14.91
CA LEU A 65 5.25 2.12 14.26
C LEU A 65 4.36 1.63 13.12
N ASP A 66 5.00 0.94 12.18
CA ASP A 66 4.35 0.39 11.00
C ASP A 66 4.78 -1.08 10.88
N ALA A 67 3.84 -1.94 10.53
CA ALA A 67 4.16 -3.36 10.38
C ALA A 67 3.07 -4.06 9.60
N CYS A 68 3.45 -5.11 8.87
CA CYS A 68 2.46 -5.94 8.18
C CYS A 68 2.95 -7.39 8.18
N ILE A 69 2.02 -8.32 7.98
CA ILE A 69 2.38 -9.72 8.01
C ILE A 69 1.56 -10.40 6.89
N MET A 70 2.13 -11.46 6.30
CA MET A 70 1.45 -12.17 5.23
C MET A 70 1.78 -13.65 5.34
N ASP A 71 0.75 -14.50 5.37
CA ASP A 71 0.97 -15.93 5.51
C ASP A 71 1.02 -16.67 4.18
N GLU A 72 0.88 -18.01 4.24
CA GLU A 72 0.99 -18.87 3.06
C GLU A 72 -0.24 -18.93 2.15
N ASN A 73 -1.32 -18.27 2.56
CA ASN A 73 -2.55 -18.34 1.79
C ASN A 73 -3.22 -16.98 1.56
N TYR A 74 -2.39 -15.96 1.32
CA TYR A 74 -2.88 -14.64 1.03
C TYR A 74 -3.62 -13.87 2.13
N ASN A 75 -3.49 -14.33 3.37
CA ASN A 75 -4.09 -13.62 4.48
C ASN A 75 -3.06 -12.56 4.84
N ILE A 76 -3.53 -11.36 5.12
CA ILE A 76 -2.64 -10.25 5.43
C ILE A 76 -3.18 -9.38 6.56
N GLY A 77 -2.27 -8.72 7.25
CA GLY A 77 -2.66 -7.82 8.32
C GLY A 77 -1.63 -6.70 8.34
N SER A 78 -2.08 -5.49 8.68
CA SER A 78 -1.20 -4.36 8.67
C SER A 78 -1.63 -3.27 9.64
N VAL A 79 -0.66 -2.61 10.26
CA VAL A 79 -0.92 -1.47 11.12
C VAL A 79 0.09 -0.42 10.72
N ALA A 80 -0.33 0.84 10.64
CA ALA A 80 0.63 1.90 10.32
C ALA A 80 0.38 3.09 11.25
N CYS A 81 1.47 3.78 11.59
CA CYS A 81 1.46 4.95 12.45
C CYS A 81 0.70 4.66 13.71
N MET A 82 1.10 3.58 14.38
CA MET A 82 0.47 3.18 15.64
C MET A 82 1.43 3.49 16.81
N GLU A 83 0.89 4.13 17.84
CA GLU A 83 1.68 4.51 19.02
C GLU A 83 1.40 3.63 20.22
N HIS A 84 2.35 3.63 21.17
CA HIS A 84 2.25 2.95 22.45
C HIS A 84 2.18 1.43 22.53
N ILE A 85 2.22 0.74 21.38
CA ILE A 85 2.18 -0.72 21.38
C ILE A 85 3.53 -1.28 20.94
N LYS A 86 4.18 -2.01 21.82
CA LYS A 86 5.52 -2.50 21.51
C LYS A 86 5.66 -3.53 20.40
N ASN A 87 4.63 -4.34 20.17
CA ASN A 87 4.75 -5.37 19.14
C ASN A 87 3.72 -5.23 18.03
N PRO A 88 3.89 -4.22 17.18
CA PRO A 88 2.98 -3.96 16.06
C PRO A 88 2.81 -5.17 15.11
N ILE A 89 3.85 -6.00 14.96
CA ILE A 89 3.69 -7.16 14.09
C ILE A 89 2.60 -8.07 14.62
N SER A 90 2.46 -8.17 15.93
CA SER A 90 1.42 -9.03 16.47
C SER A 90 0.03 -8.38 16.35
N VAL A 91 -0.02 -7.05 16.39
CA VAL A 91 -1.32 -6.37 16.22
C VAL A 91 -1.72 -6.58 14.76
N ALA A 92 -0.73 -6.52 13.87
CA ALA A 92 -1.03 -6.74 12.47
C ALA A 92 -1.59 -8.17 12.29
N ARG A 93 -1.01 -9.12 13.01
CA ARG A 93 -1.50 -10.48 12.90
C ARG A 93 -2.94 -10.58 13.41
N ALA A 94 -3.27 -9.79 14.43
CA ALA A 94 -4.65 -9.83 14.95
C ALA A 94 -5.59 -9.15 13.94
N VAL A 95 -5.13 -8.08 13.28
CA VAL A 95 -5.96 -7.42 12.26
C VAL A 95 -6.31 -8.50 11.22
N MET A 96 -5.28 -9.26 10.84
CA MET A 96 -5.46 -10.32 9.87
C MET A 96 -6.45 -11.40 10.31
N GLU A 97 -6.27 -11.87 11.53
CA GLU A 97 -7.10 -12.97 12.03
C GLU A 97 -8.41 -12.63 12.69
N LYS A 98 -8.52 -11.43 13.25
CA LYS A 98 -9.70 -11.07 14.02
C LYS A 98 -10.64 -10.00 13.45
N THR A 99 -10.33 -9.48 12.27
CA THR A 99 -11.19 -8.45 11.69
C THR A 99 -11.49 -8.74 10.22
N PRO A 100 -12.47 -8.02 9.63
CA PRO A 100 -12.76 -8.24 8.21
C PRO A 100 -11.91 -7.23 7.41
N HIS A 101 -10.92 -6.63 8.07
CA HIS A 101 -10.08 -5.64 7.40
C HIS A 101 -8.64 -6.16 7.30
N VAL A 102 -7.77 -5.41 6.62
CA VAL A 102 -6.38 -5.86 6.49
C VAL A 102 -5.44 -4.73 6.89
N MET A 103 -5.99 -3.53 7.04
CA MET A 103 -5.16 -2.40 7.46
C MET A 103 -5.84 -1.39 8.37
N LEU A 104 -5.25 -1.16 9.54
CA LEU A 104 -5.76 -0.17 10.49
C LEU A 104 -4.61 0.80 10.73
N VAL A 105 -4.93 2.09 10.86
CA VAL A 105 -3.88 3.07 11.10
C VAL A 105 -4.23 4.03 12.25
N GLY A 106 -3.22 4.73 12.74
CA GLY A 106 -3.44 5.74 13.79
C GLY A 106 -4.16 5.30 15.04
N ASP A 107 -5.02 6.19 15.56
CA ASP A 107 -5.76 5.93 16.78
C ASP A 107 -6.56 4.64 16.73
N GLY A 108 -7.22 4.38 15.62
CA GLY A 108 -8.01 3.16 15.52
C GLY A 108 -7.14 1.90 15.68
N ALA A 109 -5.89 1.95 15.23
CA ALA A 109 -5.01 0.78 15.33
C ALA A 109 -4.73 0.53 16.83
N LEU A 110 -4.46 1.60 17.58
CA LEU A 110 -4.23 1.49 19.03
C LEU A 110 -5.48 0.94 19.73
N GLU A 111 -6.63 1.53 19.41
CA GLU A 111 -7.87 1.09 20.00
C GLU A 111 -8.09 -0.39 19.77
N PHE A 112 -7.82 -0.85 18.55
CA PHE A 112 -8.02 -2.24 18.28
C PHE A 112 -7.03 -3.05 19.11
N ALA A 113 -5.77 -2.62 19.15
CA ALA A 113 -4.76 -3.35 19.96
C ALA A 113 -5.23 -3.50 21.41
N LEU A 114 -5.68 -2.40 22.01
CA LEU A 114 -6.14 -2.41 23.40
C LEU A 114 -7.28 -3.39 23.56
N SER A 115 -8.22 -3.40 22.61
CA SER A 115 -9.34 -4.32 22.64
C SER A 115 -8.86 -5.75 22.56
N GLN A 116 -7.69 -5.99 21.99
CA GLN A 116 -7.15 -7.34 21.88
C GLN A 116 -6.26 -7.74 23.04
N GLY A 117 -6.17 -6.87 24.04
CA GLY A 117 -5.38 -7.19 25.21
C GLY A 117 -3.94 -6.70 25.22
N PHE A 118 -3.52 -5.98 24.18
CA PHE A 118 -2.16 -5.46 24.13
C PHE A 118 -2.08 -4.33 25.13
N LYS A 119 -0.93 -4.13 25.73
CA LYS A 119 -0.78 -3.08 26.74
C LYS A 119 -0.09 -1.81 26.24
N LYS A 120 -0.61 -0.66 26.68
CA LYS A 120 -0.08 0.65 26.33
C LYS A 120 1.21 0.81 27.11
N GLU A 121 2.29 1.14 26.40
CA GLU A 121 3.60 1.32 27.01
C GLU A 121 4.28 2.55 26.41
N ASN A 122 5.29 3.07 27.11
CA ASN A 122 6.00 4.23 26.59
C ASN A 122 7.20 3.68 25.81
N LEU A 123 7.14 3.83 24.48
CA LEU A 123 8.17 3.34 23.59
C LEU A 123 9.35 4.26 23.44
N LEU A 124 9.24 5.47 24.00
CA LEU A 124 10.32 6.43 23.87
C LEU A 124 11.39 6.22 24.94
N THR A 125 12.54 5.70 24.55
CA THR A 125 13.60 5.49 25.53
C THR A 125 14.31 6.80 25.84
N ALA A 126 15.01 6.81 26.96
CA ALA A 126 15.75 8.00 27.36
C ALA A 126 16.75 8.31 26.27
N GLU A 127 17.36 7.27 25.71
CA GLU A 127 18.35 7.47 24.66
C GLU A 127 17.76 8.09 23.40
N SER A 128 16.59 7.59 22.99
CA SER A 128 15.94 8.11 21.79
C SER A 128 15.48 9.53 22.02
N GLU A 129 14.93 9.81 23.19
CA GLU A 129 14.51 11.17 23.51
C GLU A 129 15.71 12.11 23.45
N LYS A 130 16.83 11.67 23.99
CA LYS A 130 18.03 12.48 24.01
C LYS A 130 18.47 12.81 22.58
N GLU A 131 18.55 11.80 21.73
CA GLU A 131 18.97 12.05 20.34
C GLU A 131 17.97 12.94 19.60
N TRP A 132 16.69 12.73 19.87
CA TRP A 132 15.65 13.53 19.24
C TRP A 132 15.89 15.01 19.54
N LYS A 133 16.15 15.30 20.81
CA LYS A 133 16.39 16.68 21.21
C LYS A 133 17.62 17.27 20.55
N GLU A 134 18.67 16.49 20.34
CA GLU A 134 19.88 16.97 19.68
C GLU A 134 19.59 17.26 18.18
N TRP A 135 18.68 16.49 17.60
CA TRP A 135 18.31 16.68 16.21
C TRP A 135 17.52 17.99 16.09
N LEU A 136 16.66 18.28 17.06
CA LEU A 136 15.89 19.50 17.05
C LEU A 136 16.83 20.70 17.02
N LYS A 137 17.97 20.58 17.70
CA LYS A 137 18.93 21.67 17.75
C LYS A 137 19.62 21.85 16.41
N THR A 138 20.13 20.76 15.84
CA THR A 138 20.82 20.86 14.56
C THR A 138 19.89 21.20 13.40
N SER A 139 18.70 20.62 13.39
CA SER A 139 17.78 20.89 12.28
C SER A 139 17.02 22.19 12.49
N GLN A 140 16.92 22.64 13.73
CA GLN A 140 16.18 23.85 14.06
C GLN A 140 14.69 23.71 13.70
N TYR A 141 14.11 22.53 13.93
CA TYR A 141 12.69 22.29 13.64
C TYR A 141 11.79 22.76 14.80
N CYS B 1 13.73 -0.73 10.65
CA CYS B 1 13.01 -1.83 9.93
C CYS B 1 13.68 -3.19 9.86
N ILE B 2 12.91 -4.23 10.14
CA ILE B 2 13.44 -5.56 9.91
C ILE B 2 12.38 -6.25 9.08
N GLY B 3 12.84 -6.98 8.07
CA GLY B 3 11.94 -7.73 7.23
C GLY B 3 12.39 -9.18 7.33
N MET B 4 11.45 -10.11 7.44
CA MET B 4 11.82 -11.51 7.55
C MET B 4 10.87 -12.37 6.72
N ILE B 5 11.46 -13.32 5.99
CA ILE B 5 10.67 -14.23 5.16
C ILE B 5 11.21 -15.63 5.40
N ALA B 6 10.32 -16.61 5.36
CA ALA B 6 10.72 -17.97 5.65
C ALA B 6 9.89 -19.00 4.91
N LEU B 7 10.53 -20.15 4.68
CA LEU B 7 9.94 -21.34 4.05
C LEU B 7 10.01 -22.40 5.14
N ASP B 8 8.87 -22.92 5.61
CA ASP B 8 8.89 -23.91 6.69
C ASP B 8 8.99 -25.36 6.22
N ALA B 9 8.88 -26.30 7.14
CA ALA B 9 9.01 -27.72 6.82
C ALA B 9 7.92 -28.25 5.91
N GLN B 10 6.77 -27.60 5.91
CA GLN B 10 5.64 -28.01 5.06
C GLN B 10 5.83 -27.40 3.68
N GLY B 11 6.88 -26.60 3.51
CA GLY B 11 7.08 -25.97 2.21
C GLY B 11 6.21 -24.73 2.05
N ASN B 12 5.75 -24.17 3.18
CA ASN B 12 4.92 -22.95 3.14
C ASN B 12 5.74 -21.68 3.43
N LEU B 13 5.40 -20.60 2.75
CA LEU B 13 6.06 -19.31 2.96
C LEU B 13 5.23 -18.37 3.80
N SER B 14 5.89 -17.43 4.46
CA SER B 14 5.26 -16.37 5.23
C SER B 14 6.31 -15.28 5.44
N GLY B 15 5.84 -14.08 5.80
CA GLY B 15 6.75 -12.99 6.03
C GLY B 15 6.19 -11.97 7.00
N ALA B 16 7.11 -11.19 7.55
CA ALA B 16 6.79 -10.18 8.52
C ALA B 16 7.68 -8.97 8.29
N CYS B 17 7.15 -7.78 8.52
CA CYS B 17 7.95 -6.59 8.32
C CYS B 17 7.50 -5.60 9.40
N THR B 18 8.46 -4.98 10.12
CA THR B 18 8.10 -4.07 11.20
C THR B 18 9.21 -2.99 11.37
N THR B 19 8.80 -1.76 11.64
CA THR B 19 9.74 -0.65 11.73
C THR B 19 9.21 0.51 12.55
N SER B 20 10.12 1.40 12.97
CA SER B 20 9.73 2.61 13.69
C SER B 20 9.79 3.73 12.64
N GLY B 21 10.06 3.33 11.40
CA GLY B 21 10.08 4.26 10.27
C GLY B 21 11.24 5.25 10.20
N MET B 22 11.23 6.11 9.18
CA MET B 22 12.32 7.07 9.04
C MET B 22 12.47 8.00 10.25
N ALA B 23 13.66 8.01 10.84
CA ALA B 23 13.93 8.85 12.00
C ALA B 23 13.53 10.31 11.73
N TYR B 24 12.79 10.89 12.66
CA TYR B 24 12.35 12.29 12.59
C TYR B 24 11.51 12.68 11.33
N LYS B 25 10.77 11.68 10.82
CA LYS B 25 9.86 11.82 9.67
C LYS B 25 8.74 12.78 10.12
N MET B 26 7.95 13.30 9.16
CA MET B 26 6.84 14.15 9.54
C MET B 26 5.84 13.27 10.28
N HIS B 27 5.14 13.88 11.22
CA HIS B 27 4.13 13.16 11.96
C HIS B 27 3.09 12.56 11.01
N GLY B 28 2.80 11.27 11.17
CA GLY B 28 1.82 10.60 10.32
C GLY B 28 2.40 9.97 9.07
N ARG B 29 3.72 10.09 8.89
CA ARG B 29 4.38 9.53 7.72
C ARG B 29 4.39 8.01 7.80
N VAL B 30 4.04 7.40 6.68
CA VAL B 30 4.04 5.95 6.58
C VAL B 30 5.03 5.55 5.49
N GLY B 31 5.89 4.59 5.80
CA GLY B 31 6.82 4.05 4.82
C GLY B 31 6.25 2.79 4.11
N ASP B 32 7.15 2.02 3.50
CA ASP B 32 6.80 0.80 2.77
C ASP B 32 6.53 -0.43 3.66
N SER B 33 7.04 -0.42 4.88
CA SER B 33 6.94 -1.56 5.78
C SER B 33 5.59 -2.14 6.09
N PRO B 34 4.53 -1.32 6.09
CA PRO B 34 3.20 -1.93 6.39
C PRO B 34 2.38 -2.12 5.12
N ILE B 35 2.96 -1.78 3.97
CA ILE B 35 2.25 -1.89 2.70
C ILE B 35 2.55 -3.18 1.93
N ILE B 36 1.51 -3.98 1.77
CA ILE B 36 1.61 -5.25 1.06
C ILE B 36 1.96 -4.94 -0.39
N GLY B 37 3.02 -5.57 -0.87
CA GLY B 37 3.45 -5.33 -2.25
C GLY B 37 4.59 -4.34 -2.29
N ALA B 38 4.72 -3.57 -1.22
CA ALA B 38 5.80 -2.58 -1.17
C ALA B 38 6.88 -3.19 -0.26
N GLY B 39 6.74 -3.07 1.06
CA GLY B 39 7.75 -3.64 1.94
C GLY B 39 7.74 -5.17 2.02
N LEU B 40 6.61 -5.79 1.70
CA LEU B 40 6.52 -7.25 1.82
C LEU B 40 5.49 -7.89 0.87
N PHE B 41 5.82 -9.04 0.32
CA PHE B 41 4.84 -9.76 -0.50
C PHE B 41 5.21 -11.22 -0.50
N VAL B 42 4.18 -12.04 -0.31
CA VAL B 42 4.29 -13.49 -0.24
C VAL B 42 3.20 -14.18 -1.10
N ASP B 43 3.62 -15.07 -2.00
CA ASP B 43 2.67 -15.83 -2.82
C ASP B 43 3.20 -17.27 -2.72
N ASN B 44 2.44 -18.13 -2.05
CA ASN B 44 2.87 -19.48 -1.81
C ASN B 44 3.18 -20.37 -2.98
N GLU B 45 2.75 -19.98 -4.18
CA GLU B 45 3.06 -20.79 -5.35
C GLU B 45 4.31 -20.30 -6.03
N ILE B 46 4.83 -19.17 -5.58
CA ILE B 46 5.96 -18.55 -6.23
C ILE B 46 7.18 -18.31 -5.37
N GLY B 47 7.02 -17.44 -4.37
CA GLY B 47 8.13 -17.06 -3.53
C GLY B 47 7.73 -15.86 -2.68
N ALA B 48 8.69 -15.28 -1.99
CA ALA B 48 8.41 -14.15 -1.13
C ALA B 48 9.57 -13.16 -1.20
N ALA B 49 9.28 -11.92 -0.85
CA ALA B 49 10.30 -10.90 -0.86
C ALA B 49 10.00 -9.80 0.18
N THR B 50 11.05 -9.16 0.69
CA THR B 50 10.84 -8.07 1.62
C THR B 50 11.91 -7.05 1.23
N ALA B 51 11.58 -5.79 1.46
N ALA B 51 11.65 -5.77 1.50
CA ALA B 51 12.45 -4.66 1.12
CA ALA B 51 12.59 -4.72 1.12
C ALA B 51 12.88 -3.85 2.32
C ALA B 51 13.39 -4.04 2.22
N THR B 52 13.95 -3.08 2.15
N THR B 52 14.28 -3.16 1.80
CA THR B 52 14.42 -2.22 3.22
CA THR B 52 15.11 -2.39 2.72
C THR B 52 15.06 -1.05 2.50
C THR B 52 15.45 -1.05 2.10
N GLY B 53 15.29 0.05 3.22
N GLY B 53 15.65 -0.04 2.94
CA GLY B 53 15.88 1.22 2.59
CA GLY B 53 15.99 1.27 2.44
C GLY B 53 14.89 2.39 2.60
C GLY B 53 14.95 2.35 2.57
N HIS B 54 15.02 3.32 1.66
CA HIS B 54 14.13 4.47 1.62
C HIS B 54 12.72 4.01 1.20
N GLY B 55 11.82 3.97 2.19
CA GLY B 55 10.45 3.50 2.00
C GLY B 55 9.69 4.12 0.86
N GLU B 56 9.86 5.43 0.71
CA GLU B 56 9.17 6.14 -0.36
C GLU B 56 9.45 5.52 -1.75
N GLU B 57 10.68 5.06 -1.96
CA GLU B 57 11.07 4.53 -3.25
C GLU B 57 10.51 3.14 -3.45
N VAL B 58 10.42 2.36 -2.38
CA VAL B 58 9.83 1.03 -2.46
C VAL B 58 8.31 1.13 -2.77
N ILE B 59 7.62 2.07 -2.14
CA ILE B 59 6.19 2.29 -2.41
C ILE B 59 6.03 2.69 -3.87
N ARG B 60 6.85 3.66 -4.30
CA ARG B 60 6.81 4.20 -5.67
C ARG B 60 6.88 3.14 -6.76
N THR B 61 7.68 2.11 -6.52
CA THR B 61 7.85 1.04 -7.48
C THR B 61 7.16 -0.28 -7.07
N VAL B 62 6.39 -0.27 -5.98
CA VAL B 62 5.68 -1.47 -5.52
C VAL B 62 6.71 -2.62 -5.61
N GLY B 63 7.85 -2.36 -5.00
CA GLY B 63 9.01 -3.25 -5.02
C GLY B 63 8.92 -4.75 -4.81
N THR B 64 8.37 -5.21 -3.69
CA THR B 64 8.30 -6.66 -3.51
C THR B 64 7.29 -7.34 -4.42
N HIS B 65 6.21 -6.64 -4.79
CA HIS B 65 5.29 -7.28 -5.71
C HIS B 65 6.04 -7.49 -7.01
N LEU B 66 6.86 -6.52 -7.40
CA LEU B 66 7.67 -6.65 -8.61
C LEU B 66 8.62 -7.85 -8.48
N VAL B 67 9.34 -7.94 -7.38
CA VAL B 67 10.30 -9.06 -7.23
C VAL B 67 9.60 -10.43 -7.37
N VAL B 68 8.46 -10.60 -6.70
CA VAL B 68 7.75 -11.86 -6.78
C VAL B 68 7.15 -12.12 -8.18
N GLU B 69 6.68 -11.09 -8.86
CA GLU B 69 6.14 -11.32 -10.19
C GLU B 69 7.29 -11.74 -11.15
N LEU B 70 8.50 -11.20 -10.91
CA LEU B 70 9.65 -11.58 -11.74
C LEU B 70 10.01 -13.05 -11.52
N MET B 71 9.91 -13.47 -10.27
CA MET B 71 10.18 -14.87 -9.98
C MET B 71 9.07 -15.68 -10.66
N ASN B 72 7.84 -15.17 -10.64
CA ASN B 72 6.75 -15.88 -11.28
C ASN B 72 7.01 -16.03 -12.79
N GLN B 73 7.61 -15.02 -13.41
CA GLN B 73 7.94 -15.05 -14.83
C GLN B 73 9.14 -15.93 -15.15
N GLY B 74 9.85 -16.40 -14.13
CA GLY B 74 10.98 -17.27 -14.40
C GLY B 74 12.32 -16.90 -13.82
N ARG B 75 12.42 -15.70 -13.23
CA ARG B 75 13.70 -15.28 -12.64
C ARG B 75 14.02 -16.02 -11.32
N THR B 76 15.30 -16.20 -11.03
CA THR B 76 15.68 -16.81 -9.78
C THR B 76 15.54 -15.66 -8.78
N PRO B 77 15.51 -15.97 -7.47
CA PRO B 77 15.38 -14.94 -6.45
C PRO B 77 16.41 -13.83 -6.66
N GLN B 78 17.65 -14.26 -6.88
CA GLN B 78 18.77 -13.36 -7.14
C GLN B 78 18.51 -12.43 -8.35
N GLN B 79 18.13 -13.00 -9.49
CA GLN B 79 17.88 -12.21 -10.70
C GLN B 79 16.67 -11.28 -10.49
N ALA B 80 15.69 -11.75 -9.74
CA ALA B 80 14.49 -10.97 -9.52
C ALA B 80 14.82 -9.74 -8.68
N CYS B 81 15.68 -9.89 -7.68
CA CYS B 81 16.05 -8.77 -6.83
C CYS B 81 16.88 -7.79 -7.64
N LYS B 82 17.77 -8.31 -8.49
CA LYS B 82 18.62 -7.46 -9.31
C LYS B 82 17.79 -6.62 -10.30
N GLU B 83 16.89 -7.25 -11.02
CA GLU B 83 16.07 -6.51 -11.97
C GLU B 83 15.20 -5.52 -11.29
N ALA B 84 14.65 -5.88 -10.14
CA ALA B 84 13.81 -4.95 -9.41
C ALA B 84 14.62 -3.71 -9.05
N VAL B 85 15.84 -3.91 -8.53
CA VAL B 85 16.69 -2.78 -8.17
C VAL B 85 17.01 -1.92 -9.42
N GLU B 86 17.26 -2.60 -10.52
CA GLU B 86 17.58 -1.87 -11.74
C GLU B 86 16.40 -1.01 -12.22
N ARG B 87 15.18 -1.36 -11.81
CA ARG B 87 14.01 -0.58 -12.18
C ARG B 87 13.98 0.66 -11.29
N ILE B 88 14.36 0.52 -10.05
CA ILE B 88 14.38 1.70 -9.21
C ILE B 88 15.46 2.66 -9.77
N VAL B 89 16.59 2.10 -10.23
CA VAL B 89 17.68 2.92 -10.78
C VAL B 89 17.17 3.72 -11.99
N LYS B 90 16.49 3.07 -12.93
CA LYS B 90 15.96 3.78 -14.09
C LYS B 90 14.97 4.88 -13.70
N ILE B 91 14.10 4.57 -12.75
CA ILE B 91 13.12 5.56 -12.28
C ILE B 91 13.81 6.71 -11.55
N VAL B 92 14.78 6.40 -10.70
CA VAL B 92 15.51 7.45 -9.99
C VAL B 92 16.07 8.43 -11.03
N ASN B 93 16.59 7.89 -12.13
CA ASN B 93 17.17 8.73 -13.16
C ASN B 93 16.09 9.53 -13.91
N ARG B 94 15.00 8.87 -14.28
CA ARG B 94 13.90 9.54 -14.99
C ARG B 94 13.37 10.70 -14.16
N ARG B 95 13.42 10.55 -12.83
CA ARG B 95 12.95 11.61 -11.94
C ARG B 95 14.03 12.68 -11.64
N GLY B 96 15.19 12.57 -12.30
CA GLY B 96 16.25 13.55 -12.09
C GLY B 96 16.86 13.55 -10.71
N LYS B 97 16.89 12.37 -10.09
CA LYS B 97 17.45 12.25 -8.75
C LYS B 97 18.83 11.59 -8.81
N ASN B 98 19.55 11.68 -7.70
CA ASN B 98 20.90 11.10 -7.63
C ASN B 98 20.88 9.81 -6.80
N LEU B 99 21.26 8.74 -7.46
CA LEU B 99 21.28 7.41 -6.88
C LEU B 99 22.01 7.33 -5.54
N LYS B 100 23.07 8.14 -5.37
CA LYS B 100 23.83 8.13 -4.15
C LYS B 100 22.97 8.50 -2.92
N ASP B 101 21.87 9.21 -3.16
CA ASP B 101 20.99 9.61 -2.05
C ASP B 101 19.97 8.55 -1.73
N ILE B 102 19.93 7.51 -2.56
CA ILE B 102 18.95 6.45 -2.42
C ILE B 102 19.46 5.04 -2.19
N GLN B 103 18.94 4.40 -1.14
CA GLN B 103 19.28 3.03 -0.81
C GLN B 103 18.01 2.18 -0.75
N VAL B 104 18.01 1.13 -1.55
CA VAL B 104 16.93 0.16 -1.65
C VAL B 104 17.55 -1.23 -1.80
N GLY B 105 16.98 -2.19 -1.08
CA GLY B 105 17.47 -3.55 -1.18
C GLY B 105 16.30 -4.50 -1.02
N PHE B 106 16.42 -5.68 -1.63
CA PHE B 106 15.41 -6.72 -1.52
C PHE B 106 16.12 -8.03 -1.18
N ILE B 107 15.42 -8.91 -0.47
CA ILE B 107 15.93 -10.26 -0.21
C ILE B 107 14.73 -11.07 -0.66
N ALA B 108 14.97 -12.25 -1.24
CA ALA B 108 13.87 -13.05 -1.74
C ALA B 108 14.09 -14.53 -1.55
N LEU B 109 12.99 -15.27 -1.60
CA LEU B 109 13.02 -16.69 -1.39
C LEU B 109 11.95 -17.32 -2.29
N ASN B 110 12.25 -18.45 -2.96
CA ASN B 110 11.24 -19.09 -3.76
C ASN B 110 10.84 -20.40 -3.08
N LYS B 111 9.89 -21.11 -3.68
CA LYS B 111 9.38 -22.37 -3.13
C LYS B 111 10.42 -23.47 -3.03
N LYS B 112 11.51 -23.35 -3.77
CA LYS B 112 12.54 -24.38 -3.63
C LYS B 112 13.50 -24.04 -2.50
N GLY B 113 13.33 -22.89 -1.87
CA GLY B 113 14.25 -22.54 -0.80
C GLY B 113 15.52 -21.87 -1.32
N GLU B 114 15.53 -21.56 -2.61
CA GLU B 114 16.64 -20.82 -3.20
C GLU B 114 16.36 -19.36 -2.76
N TYR B 115 17.41 -18.58 -2.53
CA TYR B 115 17.27 -17.21 -2.07
C TYR B 115 18.20 -16.31 -2.83
N GLY B 116 17.97 -15.01 -2.67
CA GLY B 116 18.80 -14.03 -3.35
C GLY B 116 18.55 -12.66 -2.76
N ALA B 117 19.37 -11.71 -3.15
CA ALA B 117 19.29 -10.37 -2.63
C ALA B 117 20.08 -9.43 -3.52
N TYR B 118 19.71 -8.16 -3.53
CA TYR B 118 20.41 -7.17 -4.32
C TYR B 118 20.04 -5.82 -3.77
N CYS B 119 20.91 -4.84 -3.95
CA CYS B 119 20.63 -3.52 -3.45
C CYS B 119 21.24 -2.43 -4.36
N ILE B 120 20.82 -1.19 -4.14
CA ILE B 120 21.32 -0.04 -4.89
C ILE B 120 22.79 0.20 -4.56
N GLN B 121 23.06 0.31 -3.26
CA GLN B 121 24.40 0.63 -2.77
C GLN B 121 25.01 -0.42 -1.88
N ASP B 122 26.33 -0.46 -1.91
CA ASP B 122 27.10 -1.40 -1.12
C ASP B 122 26.77 -1.06 0.32
N GLY B 123 27.06 -1.98 1.24
CA GLY B 123 26.78 -1.67 2.63
C GLY B 123 25.61 -2.39 3.27
N PHE B 124 24.78 -3.05 2.47
CA PHE B 124 23.66 -3.77 3.06
C PHE B 124 23.99 -5.23 3.21
N ASN B 125 23.50 -5.86 4.27
CA ASN B 125 23.69 -7.30 4.38
C ASN B 125 22.43 -7.93 4.97
N PHE B 126 22.33 -9.24 4.85
CA PHE B 126 21.17 -9.96 5.33
C PHE B 126 21.61 -11.29 5.94
N ALA B 127 20.81 -11.79 6.86
CA ALA B 127 21.10 -13.05 7.53
C ALA B 127 20.26 -14.17 6.96
N VAL B 128 20.90 -15.31 6.72
CA VAL B 128 20.19 -16.46 6.20
C VAL B 128 20.50 -17.68 7.09
N HIS B 129 19.45 -18.38 7.51
CA HIS B 129 19.60 -19.56 8.34
C HIS B 129 18.85 -20.72 7.69
N ASP B 130 19.58 -21.79 7.38
CA ASP B 130 18.97 -23.00 6.84
C ASP B 130 19.67 -24.16 7.57
N GLN B 131 19.64 -25.36 7.02
CA GLN B 131 20.27 -26.45 7.75
C GLN B 131 21.81 -26.36 7.79
N LYS B 132 22.42 -25.47 7.00
CA LYS B 132 23.87 -25.26 7.06
C LYS B 132 24.20 -24.25 8.16
N GLY B 133 23.16 -23.80 8.87
CA GLY B 133 23.38 -22.84 9.94
C GLY B 133 23.01 -21.42 9.60
N ASN B 134 23.34 -20.52 10.52
CA ASN B 134 23.02 -19.10 10.39
C ASN B 134 24.25 -18.28 9.95
N ARG B 135 24.08 -17.38 8.99
CA ARG B 135 25.18 -16.53 8.52
C ARG B 135 24.73 -15.21 7.90
N LEU B 136 25.68 -14.28 7.85
CA LEU B 136 25.47 -12.95 7.31
C LEU B 136 26.09 -12.91 5.91
N GLU B 137 25.28 -12.58 4.91
CA GLU B 137 25.74 -12.55 3.53
C GLU B 137 25.65 -11.14 2.95
N THR B 138 26.41 -10.91 1.89
CA THR B 138 26.43 -9.59 1.26
C THR B 138 25.97 -9.71 -0.17
N PRO B 139 24.91 -9.00 -0.54
CA PRO B 139 24.46 -9.08 -1.92
C PRO B 139 25.20 -8.15 -2.85
N GLY B 140 24.98 -8.35 -4.15
CA GLY B 140 25.57 -7.47 -5.12
C GLY B 140 24.83 -6.13 -5.03
N PHE B 141 25.38 -5.11 -5.67
CA PHE B 141 24.77 -3.79 -5.64
C PHE B 141 25.01 -3.09 -6.96
N ALA B 142 24.12 -2.17 -7.32
CA ALA B 142 24.21 -1.48 -8.59
C ALA B 142 25.15 -0.28 -8.66
N LEU B 143 25.24 0.48 -7.59
CA LEU B 143 26.08 1.66 -7.64
C LEU B 143 27.52 1.34 -7.31
N LYS B 144 28.34 1.23 -8.36
CA LYS B 144 29.75 0.91 -8.14
C LYS B 144 30.65 2.10 -8.46
N THR C 2 -3.15 6.28 -32.08
CA THR C 2 -3.32 6.74 -30.66
C THR C 2 -4.60 7.55 -30.44
N ASN C 3 -5.43 7.11 -29.49
CA ASN C 3 -6.68 7.80 -29.15
C ASN C 3 -6.39 8.67 -27.93
N LYS C 4 -6.26 9.97 -28.15
CA LYS C 4 -5.95 10.91 -27.06
C LYS C 4 -6.39 12.32 -27.44
N PRO C 5 -6.78 13.12 -26.46
CA PRO C 5 -6.85 12.80 -25.03
C PRO C 5 -8.00 11.83 -24.71
N ILE C 6 -7.87 11.08 -23.61
CA ILE C 6 -8.94 10.18 -23.19
C ILE C 6 -8.91 10.02 -21.64
N VAL C 7 -10.10 9.91 -21.05
CA VAL C 7 -10.21 9.72 -19.61
C VAL C 7 -11.26 8.63 -19.23
N LEU C 8 -10.89 7.81 -18.27
CA LEU C 8 -11.77 6.77 -17.75
C LEU C 8 -11.96 6.95 -16.24
N SER C 9 -13.17 6.68 -15.75
CA SER C 9 -13.44 6.76 -14.32
C SER C 9 -14.44 5.67 -13.94
N THR C 10 -14.41 5.29 -12.69
CA THR C 10 -15.25 4.22 -12.17
C THR C 10 -16.68 4.64 -11.84
N TRP C 11 -17.60 3.69 -12.01
CA TRP C 11 -19.04 3.86 -11.70
C TRP C 11 -19.80 4.87 -12.52
N ASN C 12 -21.12 4.85 -12.34
CA ASN C 12 -21.99 5.78 -13.07
C ASN C 12 -21.70 7.26 -12.88
N PHE C 13 -21.32 7.67 -11.68
CA PHE C 13 -21.06 9.10 -11.47
C PHE C 13 -19.77 9.57 -12.15
N GLY C 14 -19.05 8.61 -12.76
CA GLY C 14 -17.84 8.92 -13.49
C GLY C 14 -18.14 9.66 -14.79
N LEU C 15 -19.35 9.47 -15.30
CA LEU C 15 -19.77 10.11 -16.54
C LEU C 15 -19.73 11.65 -16.33
N HIS C 16 -20.40 12.10 -15.27
CA HIS C 16 -20.47 13.51 -14.89
C HIS C 16 -19.06 14.00 -14.50
N ALA C 17 -18.29 13.17 -13.80
CA ALA C 17 -16.91 13.53 -13.41
C ALA C 17 -16.03 13.68 -14.65
N ASN C 18 -16.20 12.82 -15.65
CA ASN C 18 -15.42 12.92 -16.87
C ASN C 18 -15.60 14.28 -17.56
N VAL C 19 -16.81 14.81 -17.53
CA VAL C 19 -17.05 16.11 -18.17
C VAL C 19 -16.09 17.16 -17.59
N GLU C 20 -15.91 17.16 -16.26
CA GLU C 20 -14.99 18.11 -15.60
C GLU C 20 -13.56 17.89 -16.05
N ALA C 21 -13.14 16.62 -16.08
CA ALA C 21 -11.78 16.29 -16.49
C ALA C 21 -11.55 16.74 -17.93
N TRP C 22 -12.60 16.63 -18.74
CA TRP C 22 -12.51 16.96 -20.16
C TRP C 22 -12.32 18.44 -20.42
N LYS C 23 -12.79 19.28 -19.50
CA LYS C 23 -12.62 20.73 -19.61
C LYS C 23 -11.13 21.03 -19.62
N VAL C 24 -10.36 20.20 -18.91
CA VAL C 24 -8.91 20.35 -18.86
C VAL C 24 -8.29 19.64 -20.09
N LEU C 25 -8.62 18.37 -20.28
CA LEU C 25 -8.05 17.60 -21.38
C LEU C 25 -8.28 18.15 -22.78
N SER C 26 -9.49 18.64 -23.05
CA SER C 26 -9.80 19.16 -24.37
C SER C 26 -9.06 20.46 -24.70
N LYS C 27 -8.56 21.17 -23.71
CA LYS C 27 -7.84 22.41 -23.99
C LYS C 27 -6.34 22.15 -23.94
N GLY C 28 -5.96 20.88 -24.00
CA GLY C 28 -4.54 20.54 -23.96
C GLY C 28 -3.86 20.49 -22.60
N GLY C 29 -4.64 20.58 -21.51
CA GLY C 29 -4.10 20.55 -20.15
C GLY C 29 -3.49 19.22 -19.72
N LYS C 30 -2.82 19.23 -18.58
CA LYS C 30 -2.14 18.05 -18.06
C LYS C 30 -3.09 16.98 -17.50
N ALA C 31 -2.75 15.72 -17.74
CA ALA C 31 -3.55 14.62 -17.25
C ALA C 31 -3.71 14.77 -15.73
N LEU C 32 -2.62 15.15 -15.07
CA LEU C 32 -2.61 15.32 -13.62
C LEU C 32 -3.69 16.31 -13.19
N ASP C 33 -3.77 17.46 -13.86
CA ASP C 33 -4.80 18.42 -13.51
C ASP C 33 -6.21 17.93 -13.79
N ALA C 34 -6.37 17.24 -14.93
CA ALA C 34 -7.66 16.73 -15.32
C ALA C 34 -8.22 15.72 -14.31
N VAL C 35 -7.41 14.74 -13.86
CA VAL C 35 -7.91 13.73 -12.90
C VAL C 35 -8.16 14.30 -11.54
N GLU C 36 -7.40 15.32 -11.14
CA GLU C 36 -7.64 15.93 -9.83
C GLU C 36 -8.97 16.69 -9.85
N LYS C 37 -9.16 17.52 -10.88
CA LYS C 37 -10.39 18.31 -11.05
C LYS C 37 -11.59 17.36 -11.15
N GLY C 38 -11.42 16.31 -11.96
CA GLY C 38 -12.49 15.33 -12.14
C GLY C 38 -13.01 14.71 -10.84
N VAL C 39 -12.12 14.22 -9.97
CA VAL C 39 -12.59 13.57 -8.75
C VAL C 39 -13.01 14.56 -7.67
N ARG C 40 -12.45 15.77 -7.70
CA ARG C 40 -12.83 16.80 -6.72
C ARG C 40 -14.32 17.11 -6.86
N LEU C 41 -14.85 16.99 -8.06
CA LEU C 41 -16.26 17.25 -8.32
C LEU C 41 -17.11 16.32 -7.46
N VAL C 42 -16.72 15.04 -7.38
CA VAL C 42 -17.41 14.03 -6.59
C VAL C 42 -17.16 14.23 -5.10
N GLU C 43 -15.94 14.62 -4.74
CA GLU C 43 -15.60 14.89 -3.35
C GLU C 43 -16.47 16.04 -2.81
N ASP C 44 -16.68 17.06 -3.65
CA ASP C 44 -17.46 18.23 -3.26
C ASP C 44 -18.95 17.95 -3.12
N ASP C 45 -19.41 16.94 -3.84
CA ASP C 45 -20.85 16.63 -3.87
C ASP C 45 -21.34 15.88 -2.65
N PRO C 46 -22.08 16.56 -1.75
CA PRO C 46 -22.58 15.88 -0.56
C PRO C 46 -23.57 14.74 -0.84
N THR C 47 -24.13 14.67 -2.06
CA THR C 47 -25.06 13.57 -2.38
C THR C 47 -24.35 12.32 -2.91
N GLU C 48 -23.04 12.38 -3.11
CA GLU C 48 -22.30 11.18 -3.53
C GLU C 48 -21.64 10.77 -2.22
N ARG C 49 -22.28 9.80 -1.57
CA ARG C 49 -21.93 9.32 -0.22
C ARG C 49 -20.78 8.35 -0.02
N SER C 50 -20.06 8.04 -1.10
CA SER C 50 -18.92 7.13 -0.99
C SER C 50 -17.61 7.89 -1.23
N VAL C 51 -17.70 9.21 -1.38
CA VAL C 51 -16.52 10.05 -1.67
C VAL C 51 -16.59 11.42 -1.02
N GLY C 52 -15.52 11.84 -0.36
CA GLY C 52 -15.48 13.16 0.25
C GLY C 52 -16.61 13.59 1.17
N TYR C 53 -17.06 14.82 0.97
CA TYR C 53 -18.12 15.40 1.76
C TYR C 53 -19.37 14.54 1.56
N GLY C 54 -20.03 14.19 2.67
CA GLY C 54 -21.21 13.36 2.57
C GLY C 54 -20.85 11.88 2.68
N GLY C 55 -19.56 11.57 2.77
CA GLY C 55 -19.19 10.16 2.88
C GLY C 55 -19.75 9.47 4.11
N ARG C 56 -20.20 8.23 3.98
CA ARG C 56 -20.70 7.48 5.13
C ARG C 56 -19.53 7.27 6.08
N PRO C 57 -19.72 7.59 7.38
CA PRO C 57 -18.69 7.45 8.41
C PRO C 57 -18.34 6.04 8.79
N ASP C 58 -17.26 5.93 9.57
CA ASP C 58 -16.87 4.64 10.09
C ASP C 58 -17.91 4.31 11.20
N ARG C 59 -17.83 3.12 11.78
CA ARG C 59 -18.83 2.69 12.75
C ARG C 59 -18.95 3.58 13.99
N ASP C 60 -18.00 4.48 14.19
CA ASP C 60 -18.07 5.39 15.31
C ASP C 60 -18.59 6.78 14.93
N GLY C 61 -19.05 6.91 13.68
CA GLY C 61 -19.57 8.18 13.19
C GLY C 61 -18.55 9.19 12.66
N ARG C 62 -17.31 8.74 12.47
CA ARG C 62 -16.29 9.65 11.98
C ARG C 62 -16.10 9.50 10.49
N VAL C 63 -16.14 10.61 9.77
CA VAL C 63 -15.91 10.47 8.34
C VAL C 63 -14.40 10.53 8.11
N THR C 64 -13.79 9.42 7.66
CA THR C 64 -12.34 9.46 7.40
C THR C 64 -12.11 9.09 5.92
N LEU C 65 -11.30 9.91 5.24
CA LEU C 65 -11.05 9.76 3.82
C LEU C 65 -9.68 9.28 3.43
N ASP C 66 -9.65 8.54 2.30
CA ASP C 66 -8.43 7.95 1.73
C ASP C 66 -8.30 8.41 0.28
N ALA C 67 -7.09 8.75 -0.14
CA ALA C 67 -6.92 9.16 -1.52
C ALA C 67 -5.45 9.12 -1.90
N CYS C 68 -5.20 8.88 -3.19
CA CYS C 68 -3.82 8.94 -3.68
C CYS C 68 -3.83 9.42 -5.12
N ILE C 69 -2.68 9.93 -5.55
CA ILE C 69 -2.57 10.47 -6.89
C ILE C 69 -1.20 10.05 -7.43
N MET C 70 -1.09 9.90 -8.75
CA MET C 70 0.19 9.51 -9.35
C MET C 70 0.29 10.16 -10.72
N ASP C 71 1.42 10.82 -11.00
CA ASP C 71 1.54 11.50 -12.28
C ASP C 71 2.28 10.70 -13.36
N GLU C 72 2.76 11.39 -14.38
CA GLU C 72 3.41 10.70 -15.51
C GLU C 72 4.87 10.36 -15.29
N ASN C 73 5.40 10.68 -14.12
CA ASN C 73 6.82 10.41 -13.90
C ASN C 73 7.12 9.82 -12.51
N TYR C 74 6.30 8.87 -12.09
CA TYR C 74 6.46 8.20 -10.81
C TYR C 74 6.37 9.03 -9.54
N ASN C 75 5.85 10.25 -9.66
CA ASN C 75 5.63 11.06 -8.46
C ASN C 75 4.29 10.60 -7.90
N ILE C 76 4.25 10.41 -6.59
CA ILE C 76 3.04 9.92 -5.93
C ILE C 76 2.76 10.68 -4.64
N GLY C 77 1.49 10.68 -4.26
CA GLY C 77 1.05 11.34 -3.03
C GLY C 77 -0.17 10.60 -2.52
N SER C 78 -0.26 10.47 -1.20
CA SER C 78 -1.34 9.73 -0.60
C SER C 78 -1.68 10.18 0.81
N VAL C 79 -2.97 10.14 1.14
CA VAL C 79 -3.42 10.42 2.50
C VAL C 79 -4.43 9.33 2.82
N ALA C 80 -4.42 8.85 4.06
CA ALA C 80 -5.36 7.82 4.47
C ALA C 80 -5.88 8.14 5.86
N CYS C 81 -7.16 7.84 6.03
CA CYS C 81 -7.86 8.05 7.30
C CYS C 81 -7.68 9.51 7.78
N MET C 82 -8.04 10.42 6.90
CA MET C 82 -7.94 11.84 7.20
C MET C 82 -9.34 12.39 7.41
N GLU C 83 -9.47 13.20 8.45
CA GLU C 83 -10.74 13.82 8.82
C GLU C 83 -10.79 15.30 8.54
N HIS C 84 -12.02 15.79 8.43
CA HIS C 84 -12.31 17.22 8.26
C HIS C 84 -11.83 17.97 7.02
N ILE C 85 -11.24 17.28 6.04
CA ILE C 85 -10.79 17.96 4.84
C ILE C 85 -11.59 17.42 3.69
N LYS C 86 -12.34 18.29 3.04
CA LYS C 86 -13.22 17.89 1.94
C LYS C 86 -12.54 17.32 0.67
N ASN C 87 -11.37 17.82 0.35
CA ASN C 87 -10.65 17.38 -0.85
C ASN C 87 -9.34 16.62 -0.61
N PRO C 88 -9.42 15.38 -0.10
CA PRO C 88 -8.21 14.59 0.17
C PRO C 88 -7.33 14.39 -1.08
N ILE C 89 -7.93 14.34 -2.28
CA ILE C 89 -7.09 14.16 -3.47
C ILE C 89 -6.09 15.32 -3.62
N SER C 90 -6.49 16.54 -3.24
CA SER C 90 -5.57 17.68 -3.34
C SER C 90 -4.56 17.68 -2.19
N VAL C 91 -4.93 17.13 -1.04
CA VAL C 91 -3.93 17.04 0.02
C VAL C 91 -2.91 15.98 -0.44
N ALA C 92 -3.38 14.90 -1.09
CA ALA C 92 -2.44 13.89 -1.57
C ALA C 92 -1.50 14.55 -2.56
N ARG C 93 -2.04 15.41 -3.43
CA ARG C 93 -1.16 16.08 -4.39
C ARG C 93 -0.12 16.95 -3.68
N ALA C 94 -0.51 17.57 -2.57
CA ALA C 94 0.43 18.41 -1.84
C ALA C 94 1.49 17.54 -1.17
N VAL C 95 1.08 16.38 -0.67
CA VAL C 95 2.03 15.48 -0.05
C VAL C 95 3.11 15.16 -1.09
N MET C 96 2.65 14.90 -2.31
CA MET C 96 3.56 14.57 -3.40
C MET C 96 4.52 15.70 -3.75
N GLU C 97 3.97 16.90 -3.90
CA GLU C 97 4.75 18.06 -4.33
C GLU C 97 5.48 18.85 -3.27
N LYS C 98 4.96 18.83 -2.05
CA LYS C 98 5.49 19.66 -0.98
C LYS C 98 6.23 18.99 0.18
N THR C 99 6.42 17.68 0.11
CA THR C 99 7.12 16.97 1.18
C THR C 99 8.04 15.90 0.59
N PRO C 100 8.99 15.40 1.38
CA PRO C 100 9.89 14.36 0.91
C PRO C 100 9.21 12.99 1.13
N HIS C 101 7.97 13.01 1.62
CA HIS C 101 7.26 11.76 1.83
C HIS C 101 6.19 11.49 0.77
N VAL C 102 5.66 10.26 0.74
CA VAL C 102 4.61 9.95 -0.22
C VAL C 102 3.29 9.52 0.42
N MET C 103 3.28 9.38 1.74
CA MET C 103 2.03 9.00 2.43
C MET C 103 1.97 9.48 3.87
N LEU C 104 0.91 10.23 4.19
CA LEU C 104 0.62 10.71 5.53
C LEU C 104 -0.76 10.17 5.92
N VAL C 105 -0.89 9.76 7.19
CA VAL C 105 -2.16 9.22 7.67
C VAL C 105 -2.61 9.86 8.97
N GLY C 106 -3.89 9.71 9.28
CA GLY C 106 -4.41 10.24 10.53
C GLY C 106 -4.25 11.71 10.84
N ASP C 107 -4.02 12.01 12.12
CA ASP C 107 -3.86 13.38 12.60
C ASP C 107 -2.76 14.12 11.84
N GLY C 108 -1.68 13.40 11.56
CA GLY C 108 -0.59 13.99 10.82
C GLY C 108 -1.01 14.48 9.44
N ALA C 109 -1.93 13.74 8.80
CA ALA C 109 -2.40 14.16 7.46
C ALA C 109 -3.21 15.48 7.56
N LEU C 110 -4.07 15.59 8.57
CA LEU C 110 -4.87 16.81 8.79
C LEU C 110 -3.96 18.03 9.09
N GLU C 111 -2.99 17.83 9.97
CA GLU C 111 -2.05 18.91 10.34
C GLU C 111 -1.39 19.40 9.07
N PHE C 112 -0.91 18.47 8.26
CA PHE C 112 -0.27 18.88 7.01
C PHE C 112 -1.29 19.66 6.17
N ALA C 113 -2.49 19.13 5.98
CA ALA C 113 -3.50 19.84 5.17
C ALA C 113 -3.74 21.27 5.69
N LEU C 114 -3.86 21.43 7.01
CA LEU C 114 -4.10 22.76 7.59
C LEU C 114 -2.93 23.66 7.30
N SER C 115 -1.71 23.12 7.41
CA SER C 115 -0.50 23.87 7.13
C SER C 115 -0.47 24.32 5.66
N GLN C 116 -1.09 23.56 4.77
CA GLN C 116 -1.10 23.93 3.36
C GLN C 116 -2.25 24.83 3.00
N GLY C 117 -2.99 25.27 4.01
CA GLY C 117 -4.11 26.17 3.77
C GLY C 117 -5.47 25.54 3.56
N PHE C 118 -5.57 24.21 3.69
CA PHE C 118 -6.88 23.55 3.52
C PHE C 118 -7.74 23.88 4.73
N LYS C 119 -9.05 23.98 4.52
CA LYS C 119 -9.92 24.34 5.63
C LYS C 119 -10.66 23.19 6.28
N LYS C 120 -10.57 23.14 7.61
CA LYS C 120 -11.21 22.12 8.42
C LYS C 120 -12.73 22.27 8.30
N GLU C 121 -13.42 21.19 8.00
CA GLU C 121 -14.87 21.26 7.83
C GLU C 121 -15.56 20.03 8.37
N ASN C 122 -16.88 20.13 8.58
CA ASN C 122 -17.66 19.01 9.07
C ASN C 122 -18.13 18.21 7.86
N LEU C 123 -17.51 17.06 7.64
CA LEU C 123 -17.87 16.26 6.49
C LEU C 123 -19.08 15.39 6.71
N LEU C 124 -19.55 15.32 7.94
CA LEU C 124 -20.71 14.47 8.22
C LEU C 124 -22.02 15.21 7.97
N THR C 125 -22.76 14.77 6.95
CA THR C 125 -24.04 15.40 6.63
C THR C 125 -25.18 14.83 7.47
N ALA C 126 -26.29 15.58 7.48
CA ALA C 126 -27.46 15.18 8.23
C ALA C 126 -27.93 13.83 7.74
N GLU C 127 -27.89 13.63 6.43
CA GLU C 127 -28.31 12.39 5.83
C GLU C 127 -27.39 11.24 6.28
N SER C 128 -26.07 11.44 6.16
CA SER C 128 -25.18 10.36 6.56
C SER C 128 -25.27 10.07 8.06
N GLU C 129 -25.44 11.09 8.88
CA GLU C 129 -25.58 10.87 10.32
C GLU C 129 -26.85 10.04 10.57
N LYS C 130 -27.93 10.41 9.91
CA LYS C 130 -29.20 9.71 10.07
C LYS C 130 -29.03 8.23 9.72
N GLU C 131 -28.46 7.95 8.56
CA GLU C 131 -28.26 6.57 8.13
C GLU C 131 -27.35 5.81 9.07
N TRP C 132 -26.32 6.48 9.55
CA TRP C 132 -25.37 5.87 10.47
C TRP C 132 -26.12 5.39 11.70
N LYS C 133 -26.90 6.30 12.29
CA LYS C 133 -27.67 5.95 13.48
C LYS C 133 -28.64 4.77 13.24
N GLU C 134 -29.23 4.69 12.06
CA GLU C 134 -30.13 3.59 11.76
C GLU C 134 -29.32 2.29 11.71
N TRP C 135 -28.10 2.37 11.21
CA TRP C 135 -27.25 1.19 11.12
C TRP C 135 -26.89 0.72 12.52
N LEU C 136 -26.67 1.68 13.41
CA LEU C 136 -26.33 1.34 14.79
C LEU C 136 -27.47 0.52 15.38
N LYS C 137 -28.70 0.86 15.01
CA LYS C 137 -29.87 0.15 15.52
C LYS C 137 -29.94 -1.30 15.03
N THR C 138 -29.76 -1.52 13.74
CA THR C 138 -29.80 -2.86 13.19
C THR C 138 -28.57 -3.71 13.54
N SER C 139 -27.40 -3.09 13.53
CA SER C 139 -26.18 -3.82 13.83
C SER C 139 -26.01 -4.01 15.32
N GLN C 140 -26.58 -3.09 16.09
CA GLN C 140 -26.47 -3.12 17.53
C GLN C 140 -25.03 -2.88 18.04
N TYR C 141 -24.19 -2.20 17.24
CA TYR C 141 -22.80 -1.91 17.65
C TYR C 141 -22.80 -0.73 18.63
N LYS C 142 -21.95 -0.81 19.65
CA LYS C 142 -21.83 0.26 20.65
C LYS C 142 -20.60 1.13 20.40
N PRO C 143 -20.77 2.35 19.86
CA PRO C 143 -19.60 3.21 19.61
C PRO C 143 -18.89 3.80 20.84
N CYS D 1 -16.76 5.45 -3.97
N CYS D 1 -15.68 5.64 -3.32
CA CYS D 1 -15.28 5.55 -4.19
CA CYS D 1 -14.50 5.57 -4.24
C CYS D 1 -15.03 5.67 -5.69
C CYS D 1 -14.77 5.94 -5.70
N ILE D 2 -14.32 6.72 -6.11
N ILE D 2 -13.97 6.87 -6.20
CA ILE D 2 -14.04 6.89 -7.53
CA ILE D 2 -14.01 7.17 -7.61
C ILE D 2 -12.54 6.86 -7.85
C ILE D 2 -12.54 7.11 -7.99
N GLY D 3 -12.24 6.36 -9.04
CA GLY D 3 -10.87 6.25 -9.54
C GLY D 3 -10.91 6.82 -10.96
N MET D 4 -9.90 7.59 -11.34
CA MET D 4 -9.88 8.21 -12.66
C MET D 4 -8.49 8.21 -13.24
N ILE D 5 -8.39 7.77 -14.48
CA ILE D 5 -7.12 7.71 -15.17
C ILE D 5 -7.29 8.39 -16.51
N ALA D 6 -6.24 9.07 -16.96
CA ALA D 6 -6.34 9.79 -18.22
C ALA D 6 -5.01 9.82 -18.96
N LEU D 7 -5.11 10.02 -20.27
CA LEU D 7 -3.96 10.15 -21.19
C LEU D 7 -4.21 11.50 -21.80
N ASP D 8 -3.26 12.43 -21.65
CA ASP D 8 -3.50 13.78 -22.20
C ASP D 8 -2.96 14.01 -23.59
N ALA D 9 -3.10 15.23 -24.08
CA ALA D 9 -2.68 15.59 -25.43
C ALA D 9 -1.17 15.39 -25.64
N GLN D 10 -0.38 15.48 -24.56
CA GLN D 10 1.06 15.27 -24.67
C GLN D 10 1.38 13.77 -24.71
N GLY D 11 0.36 12.97 -24.48
CA GLY D 11 0.58 11.53 -24.48
C GLY D 11 1.01 11.06 -23.10
N ASN D 12 0.73 11.86 -22.08
CA ASN D 12 1.08 11.52 -20.70
C ASN D 12 -0.09 10.97 -19.89
N LEU D 13 0.21 10.01 -19.03
CA LEU D 13 -0.79 9.40 -18.16
C LEU D 13 -0.70 9.96 -16.74
N SER D 14 -1.82 9.90 -16.03
CA SER D 14 -1.94 10.28 -14.60
C SER D 14 -3.24 9.66 -14.06
N GLY D 15 -3.38 9.59 -12.74
CA GLY D 15 -4.57 9.02 -12.17
C GLY D 15 -4.77 9.53 -10.75
N ALA D 16 -6.00 9.38 -10.28
CA ALA D 16 -6.41 9.83 -8.99
C ALA D 16 -7.43 8.84 -8.46
N CYS D 17 -7.45 8.68 -7.15
CA CYS D 17 -8.35 7.75 -6.51
C CYS D 17 -8.71 8.38 -5.15
N THR D 18 -10.01 8.47 -4.84
CA THR D 18 -10.45 9.10 -3.59
C THR D 18 -11.74 8.47 -3.10
N THR D 19 -11.84 8.24 -1.80
CA THR D 19 -13.00 7.57 -1.23
C THR D 19 -13.23 7.90 0.25
N SER D 20 -14.43 7.58 0.74
CA SER D 20 -14.73 7.73 2.13
C SER D 20 -14.64 6.33 2.72
N GLY D 21 -14.33 5.38 1.85
CA GLY D 21 -14.16 4.00 2.30
C GLY D 21 -15.43 3.20 2.57
N MET D 22 -15.24 1.97 3.02
CA MET D 22 -16.35 1.07 3.34
C MET D 22 -17.19 1.64 4.48
N ALA D 23 -18.46 1.84 4.23
CA ALA D 23 -19.39 2.38 5.22
C ALA D 23 -19.35 1.57 6.54
N TYR D 24 -19.24 2.28 7.66
CA TYR D 24 -19.24 1.67 8.99
C TYR D 24 -18.04 0.77 9.31
N LYS D 25 -16.94 1.02 8.60
CA LYS D 25 -15.67 0.31 8.76
C LYS D 25 -15.18 0.51 10.19
N MET D 26 -14.24 -0.31 10.62
CA MET D 26 -13.64 -0.13 11.93
C MET D 26 -12.91 1.22 11.91
N HIS D 27 -12.85 1.91 13.05
CA HIS D 27 -12.14 3.18 13.07
C HIS D 27 -10.67 2.93 12.65
N GLY D 28 -10.15 3.75 11.74
CA GLY D 28 -8.76 3.57 11.30
C GLY D 28 -8.60 2.59 10.13
N ARG D 29 -9.70 2.03 9.65
CA ARG D 29 -9.59 1.08 8.54
C ARG D 29 -9.21 1.78 7.26
N VAL D 30 -8.26 1.18 6.55
CA VAL D 30 -7.82 1.76 5.29
C VAL D 30 -7.98 0.72 4.16
N GLY D 31 -8.59 1.13 3.06
CA GLY D 31 -8.76 0.23 1.92
C GLY D 31 -7.64 0.41 0.87
N ASP D 32 -7.93 0.06 -0.38
CA ASP D 32 -6.94 0.15 -1.45
C ASP D 32 -6.79 1.54 -2.07
N SER D 33 -7.81 2.37 -1.94
CA SER D 33 -7.80 3.67 -2.61
C SER D 33 -6.60 4.58 -2.42
N PRO D 34 -5.90 4.52 -1.27
CA PRO D 34 -4.73 5.41 -1.11
C PRO D 34 -3.43 4.59 -1.29
N ILE D 35 -3.55 3.31 -1.62
CA ILE D 35 -2.34 2.49 -1.74
C ILE D 35 -1.86 2.37 -3.19
N ILE D 36 -0.66 2.87 -3.47
CA ILE D 36 -0.08 2.81 -4.82
C ILE D 36 0.17 1.34 -5.14
N GLY D 37 -0.25 0.88 -6.31
CA GLY D 37 -0.09 -0.52 -6.67
C GLY D 37 -1.35 -1.29 -6.36
N ALA D 38 -2.17 -0.82 -5.43
CA ALA D 38 -3.41 -1.53 -5.15
C ALA D 38 -4.54 -0.75 -5.82
N GLY D 39 -5.05 0.32 -5.20
CA GLY D 39 -6.11 1.06 -5.85
C GLY D 39 -5.73 1.88 -7.10
N LEU D 40 -4.45 2.19 -7.23
CA LEU D 40 -4.04 3.00 -8.38
C LEU D 40 -2.60 2.78 -8.77
N PHE D 41 -2.32 2.71 -10.06
CA PHE D 41 -0.92 2.60 -10.51
C PHE D 41 -0.76 3.16 -11.92
N VAL D 42 0.25 4.00 -12.09
CA VAL D 42 0.50 4.62 -13.40
C VAL D 42 1.98 4.49 -13.80
N ASP D 43 2.24 3.98 -15.01
CA ASP D 43 3.62 3.89 -15.52
C ASP D 43 3.53 4.52 -16.91
N ASN D 44 4.16 5.67 -17.11
CA ASN D 44 4.06 6.37 -18.40
C ASN D 44 4.55 5.58 -19.60
N GLU D 45 5.39 4.58 -19.36
CA GLU D 45 5.86 3.81 -20.50
C GLU D 45 4.94 2.67 -20.84
N ILE D 46 3.90 2.44 -20.03
CA ILE D 46 3.01 1.31 -20.28
C ILE D 46 1.52 1.60 -20.26
N GLY D 47 1.05 2.12 -19.14
CA GLY D 47 -0.37 2.40 -19.03
C GLY D 47 -0.71 2.67 -17.59
N ALA D 48 -2.01 2.70 -17.32
CA ALA D 48 -2.50 3.01 -15.99
C ALA D 48 -3.72 2.16 -15.66
N ALA D 49 -3.96 1.94 -14.37
CA ALA D 49 -5.14 1.18 -13.97
C ALA D 49 -5.60 1.70 -12.61
N THR D 50 -6.89 1.56 -12.35
CA THR D 50 -7.42 1.93 -11.06
C THR D 50 -8.45 0.84 -10.76
N ALA D 51 -8.61 0.55 -9.48
N ALA D 51 -8.61 0.51 -9.48
CA ALA D 51 -9.52 -0.50 -9.02
CA ALA D 51 -9.53 -0.56 -9.11
C ALA D 51 -10.56 0.04 -8.04
C ALA D 51 -10.81 -0.09 -8.44
N THR D 52 -11.66 -0.70 -7.92
N THR D 52 -11.75 -1.01 -8.29
CA THR D 52 -12.73 -0.29 -7.01
CA THR D 52 -13.02 -0.73 -7.65
C THR D 52 -13.39 -1.55 -6.51
C THR D 52 -13.49 -1.94 -6.86
N GLY D 53 -14.18 -1.42 -5.45
N GLY D 53 -14.28 -1.69 -5.82
CA GLY D 53 -14.87 -2.57 -4.89
CA GLY D 53 -14.81 -2.77 -5.02
C GLY D 53 -14.37 -2.85 -3.48
C GLY D 53 -14.29 -2.89 -3.60
N HIS D 54 -14.28 -4.13 -3.12
CA HIS D 54 -13.82 -4.47 -1.77
C HIS D 54 -12.31 -4.29 -1.70
N GLY D 55 -11.93 -3.17 -1.12
CA GLY D 55 -10.54 -2.76 -1.02
C GLY D 55 -9.56 -3.78 -0.47
N GLU D 56 -10.01 -4.55 0.52
CA GLU D 56 -9.20 -5.58 1.15
C GLU D 56 -8.66 -6.56 0.11
N GLU D 57 -9.49 -6.91 -0.86
CA GLU D 57 -9.11 -7.85 -1.89
C GLU D 57 -8.15 -7.26 -2.89
N VAL D 58 -8.27 -5.96 -3.15
CA VAL D 58 -7.35 -5.29 -4.08
C VAL D 58 -5.97 -5.18 -3.44
N ILE D 59 -5.94 -4.85 -2.14
CA ILE D 59 -4.67 -4.78 -1.43
C ILE D 59 -3.99 -6.16 -1.45
N ARG D 60 -4.77 -7.19 -1.12
CA ARG D 60 -4.31 -8.56 -1.02
C ARG D 60 -3.61 -9.02 -2.30
N THR D 61 -4.11 -8.60 -3.45
CA THR D 61 -3.49 -9.00 -4.71
C THR D 61 -2.69 -7.90 -5.41
N VAL D 62 -2.51 -6.76 -4.77
CA VAL D 62 -1.74 -5.64 -5.35
C VAL D 62 -2.24 -5.45 -6.80
N GLY D 63 -3.56 -5.39 -6.91
CA GLY D 63 -4.26 -5.33 -8.19
C GLY D 63 -3.86 -4.45 -9.37
N THR D 64 -3.79 -3.14 -9.18
CA THR D 64 -3.43 -2.30 -10.30
C THR D 64 -1.98 -2.49 -10.75
N HIS D 65 -1.08 -2.79 -9.81
CA HIS D 65 0.29 -3.02 -10.23
C HIS D 65 0.25 -4.27 -11.15
N LEU D 66 -0.55 -5.26 -10.78
CA LEU D 66 -0.65 -6.48 -11.58
C LEU D 66 -1.19 -6.17 -12.96
N VAL D 67 -2.25 -5.35 -13.02
CA VAL D 67 -2.85 -5.02 -14.31
C VAL D 67 -1.84 -4.33 -15.22
N VAL D 68 -1.10 -3.38 -14.68
CA VAL D 68 -0.14 -2.68 -15.51
C VAL D 68 1.04 -3.59 -15.95
N GLU D 69 1.51 -4.47 -15.08
CA GLU D 69 2.61 -5.35 -15.48
C GLU D 69 2.14 -6.29 -16.58
N LEU D 70 0.85 -6.69 -16.53
CA LEU D 70 0.31 -7.55 -17.57
C LEU D 70 0.28 -6.79 -18.89
N MET D 71 -0.06 -5.50 -18.84
CA MET D 71 -0.01 -4.72 -20.06
C MET D 71 1.45 -4.63 -20.50
N ASN D 72 2.37 -4.57 -19.55
CA ASN D 72 3.81 -4.49 -19.84
C ASN D 72 4.25 -5.78 -20.54
N GLN D 73 3.61 -6.89 -20.20
CA GLN D 73 3.92 -8.19 -20.77
C GLN D 73 3.21 -8.44 -22.11
N GLY D 74 2.37 -7.52 -22.56
CA GLY D 74 1.73 -7.74 -23.84
C GLY D 74 0.23 -7.79 -23.93
N ARG D 75 -0.45 -7.80 -22.79
CA ARG D 75 -1.89 -7.84 -22.82
C ARG D 75 -2.45 -6.49 -23.18
N THR D 76 -3.63 -6.51 -23.77
CA THR D 76 -4.34 -5.27 -24.05
C THR D 76 -4.92 -4.90 -22.66
N PRO D 77 -5.33 -3.64 -22.48
CA PRO D 77 -5.91 -3.17 -21.22
C PRO D 77 -7.02 -4.13 -20.76
N GLN D 78 -7.84 -4.50 -21.73
CA GLN D 78 -8.95 -5.39 -21.53
C GLN D 78 -8.49 -6.77 -20.99
N GLN D 79 -7.55 -7.39 -21.69
CA GLN D 79 -7.04 -8.70 -21.30
C GLN D 79 -6.39 -8.66 -19.91
N ALA D 80 -5.72 -7.53 -19.63
CA ALA D 80 -5.00 -7.37 -18.38
C ALA D 80 -5.95 -7.31 -17.20
N CYS D 81 -7.04 -6.57 -17.38
CA CYS D 81 -8.03 -6.44 -16.33
C CYS D 81 -8.65 -7.79 -16.10
N LYS D 82 -8.94 -8.51 -17.20
CA LYS D 82 -9.56 -9.83 -17.09
C LYS D 82 -8.64 -10.81 -16.37
N GLU D 83 -7.38 -10.89 -16.79
CA GLU D 83 -6.47 -11.82 -16.12
C GLU D 83 -6.30 -11.48 -14.66
N ALA D 84 -6.26 -10.19 -14.36
CA ALA D 84 -6.12 -9.75 -12.98
C ALA D 84 -7.36 -10.21 -12.16
N VAL D 85 -8.56 -9.98 -12.68
CA VAL D 85 -9.77 -10.41 -11.97
C VAL D 85 -9.73 -11.92 -11.70
N GLU D 86 -9.29 -12.69 -12.69
CA GLU D 86 -9.21 -14.12 -12.59
C GLU D 86 -8.23 -14.56 -11.48
N ARG D 87 -7.26 -13.71 -11.16
CA ARG D 87 -6.32 -14.05 -10.08
C ARG D 87 -7.06 -13.82 -8.75
N ILE D 88 -7.80 -12.74 -8.63
CA ILE D 88 -8.52 -12.57 -7.39
C ILE D 88 -9.48 -13.77 -7.24
N VAL D 89 -10.08 -14.23 -8.35
CA VAL D 89 -11.01 -15.37 -8.28
C VAL D 89 -10.32 -16.62 -7.75
N LYS D 90 -9.18 -16.99 -8.33
CA LYS D 90 -8.45 -18.17 -7.87
C LYS D 90 -8.08 -18.02 -6.39
N ILE D 91 -7.63 -16.83 -5.99
CA ILE D 91 -7.25 -16.64 -4.60
C ILE D 91 -8.47 -16.71 -3.65
N VAL D 92 -9.57 -16.10 -4.05
CA VAL D 92 -10.79 -16.13 -3.26
C VAL D 92 -11.12 -17.62 -3.00
N ASN D 93 -10.97 -18.43 -4.05
CA ASN D 93 -11.24 -19.83 -3.91
C ASN D 93 -10.23 -20.50 -2.97
N ARG D 94 -8.95 -20.20 -3.12
CA ARG D 94 -7.90 -20.79 -2.29
C ARG D 94 -8.14 -20.43 -0.83
N ARG D 95 -8.74 -19.29 -0.57
CA ARG D 95 -9.02 -18.85 0.79
C ARG D 95 -10.38 -19.40 1.28
N GLY D 96 -11.00 -20.26 0.49
CA GLY D 96 -12.29 -20.81 0.91
C GLY D 96 -13.41 -19.78 1.09
N LYS D 97 -13.41 -18.75 0.27
CA LYS D 97 -14.46 -17.71 0.34
C LYS D 97 -15.45 -17.90 -0.80
N ASN D 98 -16.57 -17.21 -0.74
CA ASN D 98 -17.58 -17.35 -1.78
C ASN D 98 -17.49 -16.07 -2.62
N LEU D 99 -17.24 -16.25 -3.91
CA LEU D 99 -17.10 -15.15 -4.86
C LEU D 99 -18.27 -14.15 -4.86
N LYS D 100 -19.44 -14.63 -4.46
CA LYS D 100 -20.63 -13.78 -4.45
C LYS D 100 -20.50 -12.69 -3.43
N ASP D 101 -19.65 -12.90 -2.44
CA ASP D 101 -19.49 -11.90 -1.40
C ASP D 101 -18.51 -10.79 -1.77
N ILE D 102 -17.74 -11.02 -2.83
CA ILE D 102 -16.73 -10.06 -3.27
C ILE D 102 -17.00 -9.35 -4.61
N GLN D 103 -16.66 -8.07 -4.65
CA GLN D 103 -16.78 -7.27 -5.87
C GLN D 103 -15.53 -6.45 -6.04
N VAL D 104 -14.89 -6.67 -7.18
CA VAL D 104 -13.68 -5.98 -7.56
C VAL D 104 -13.72 -5.65 -9.05
N GLY D 105 -13.37 -4.42 -9.38
CA GLY D 105 -13.34 -3.98 -10.77
C GLY D 105 -12.04 -3.25 -11.10
N PHE D 106 -11.58 -3.37 -12.34
CA PHE D 106 -10.40 -2.66 -12.79
C PHE D 106 -10.74 -1.99 -14.11
N ILE D 107 -10.17 -0.82 -14.34
CA ILE D 107 -10.35 -0.14 -15.61
C ILE D 107 -8.90 0.16 -15.91
N ALA D 108 -8.52 0.12 -17.19
CA ALA D 108 -7.14 0.36 -17.55
C ALA D 108 -7.04 1.10 -18.87
N LEU D 109 -5.89 1.71 -19.07
CA LEU D 109 -5.62 2.52 -20.24
C LEU D 109 -4.14 2.30 -20.57
N ASN D 110 -3.79 2.16 -21.85
CA ASN D 110 -2.37 2.03 -22.18
C ASN D 110 -1.89 3.31 -22.89
N LYS D 111 -0.62 3.36 -23.26
CA LYS D 111 -0.06 4.54 -23.91
C LYS D 111 -0.66 4.88 -25.24
N LYS D 112 -1.28 3.90 -25.88
CA LYS D 112 -1.91 4.17 -27.18
C LYS D 112 -3.33 4.70 -27.00
N GLY D 113 -3.78 4.87 -25.77
CA GLY D 113 -5.14 5.35 -25.64
C GLY D 113 -6.17 4.24 -25.71
N GLU D 114 -5.74 2.99 -25.91
CA GLU D 114 -6.67 1.84 -25.91
C GLU D 114 -7.04 1.63 -24.41
N TYR D 115 -8.25 1.16 -24.14
CA TYR D 115 -8.72 1.02 -22.77
C TYR D 115 -9.54 -0.24 -22.59
N GLY D 116 -9.76 -0.62 -21.33
CA GLY D 116 -10.52 -1.82 -21.07
C GLY D 116 -10.91 -1.93 -19.59
N ALA D 117 -11.71 -2.94 -19.29
CA ALA D 117 -12.19 -3.15 -17.95
C ALA D 117 -12.72 -4.55 -17.77
N TYR D 118 -12.83 -4.95 -16.51
CA TYR D 118 -13.37 -6.25 -16.17
C TYR D 118 -13.67 -6.22 -14.66
N CYS D 119 -14.63 -7.03 -14.24
CA CYS D 119 -15.01 -7.06 -12.85
C CYS D 119 -15.44 -8.48 -12.45
N ILE D 120 -15.55 -8.71 -11.15
CA ILE D 120 -15.91 -10.03 -10.66
C ILE D 120 -17.37 -10.27 -10.93
N GLN D 121 -18.20 -9.29 -10.56
CA GLN D 121 -19.63 -9.41 -10.71
C GLN D 121 -20.24 -8.33 -11.57
N ASP D 122 -21.39 -8.67 -12.14
CA ASP D 122 -22.19 -7.78 -12.98
C ASP D 122 -22.51 -6.56 -12.12
N GLY D 123 -23.00 -5.49 -12.74
CA GLY D 123 -23.39 -4.32 -11.97
C GLY D 123 -22.46 -3.12 -12.00
N PHE D 124 -21.21 -3.32 -12.36
CA PHE D 124 -20.27 -2.22 -12.39
C PHE D 124 -20.18 -1.67 -13.81
N ASN D 125 -20.20 -0.35 -13.95
CA ASN D 125 -20.04 0.30 -15.27
C ASN D 125 -18.91 1.31 -15.03
N PHE D 126 -18.32 1.82 -16.12
CA PHE D 126 -17.32 2.85 -16.02
C PHE D 126 -17.64 3.84 -17.14
N ALA D 127 -17.12 5.05 -17.01
CA ALA D 127 -17.38 6.10 -17.98
C ALA D 127 -16.10 6.37 -18.75
N VAL D 128 -16.23 6.57 -20.05
CA VAL D 128 -15.07 6.84 -20.90
C VAL D 128 -15.38 8.03 -21.82
N HIS D 129 -14.46 8.98 -21.85
CA HIS D 129 -14.65 10.19 -22.66
C HIS D 129 -13.39 10.35 -23.50
N ASP D 130 -13.55 10.40 -24.81
CA ASP D 130 -12.44 10.63 -25.71
C ASP D 130 -12.99 11.63 -26.76
N GLN D 131 -12.34 11.81 -27.90
CA GLN D 131 -12.85 12.78 -28.86
C GLN D 131 -14.21 12.42 -29.45
N LYS D 132 -14.58 11.15 -29.42
CA LYS D 132 -15.88 10.76 -29.94
C LYS D 132 -17.01 11.10 -28.96
N GLY D 133 -16.66 11.46 -27.72
CA GLY D 133 -17.69 11.79 -26.75
C GLY D 133 -17.58 11.04 -25.41
N ASN D 134 -18.56 11.22 -24.55
CA ASN D 134 -18.55 10.60 -23.23
C ASN D 134 -19.56 9.48 -23.16
N ARG D 135 -19.14 8.29 -22.73
CA ARG D 135 -20.08 7.19 -22.61
C ARG D 135 -19.92 6.23 -21.45
N LEU D 136 -21.05 5.63 -21.09
CA LEU D 136 -21.10 4.69 -19.99
C LEU D 136 -21.02 3.29 -20.60
N GLU D 137 -19.96 2.55 -20.25
CA GLU D 137 -19.78 1.20 -20.79
C GLU D 137 -19.80 0.16 -19.70
N THR D 138 -20.17 -1.06 -20.09
CA THR D 138 -20.29 -2.16 -19.15
C THR D 138 -19.30 -3.27 -19.49
N PRO D 139 -18.35 -3.53 -18.60
CA PRO D 139 -17.38 -4.58 -18.90
C PRO D 139 -17.84 -5.99 -18.64
N GLY D 140 -17.07 -6.95 -19.14
CA GLY D 140 -17.40 -8.34 -18.88
C GLY D 140 -17.12 -8.66 -17.41
N PHE D 141 -17.68 -9.77 -16.93
CA PHE D 141 -17.50 -10.16 -15.53
C PHE D 141 -17.31 -11.65 -15.41
N ALA D 142 -16.62 -12.07 -14.36
CA ALA D 142 -16.30 -13.47 -14.16
C ALA D 142 -17.43 -14.35 -13.58
N LEU D 143 -18.15 -13.83 -12.61
CA LEU D 143 -19.20 -14.62 -11.98
C LEU D 143 -20.45 -14.62 -12.85
N LYS D 144 -20.59 -15.67 -13.63
CA LYS D 144 -21.75 -15.77 -14.50
C LYS D 144 -22.74 -16.78 -13.96
#